data_6ZCD
#
_entry.id   6ZCD
#
_cell.length_a   53.644
_cell.length_b   55.699
_cell.length_c   77.210
_cell.angle_alpha   90.000
_cell.angle_beta   90.000
_cell.angle_gamma   90.000
#
_symmetry.space_group_name_H-M   'P 21 21 21'
#
loop_
_entity.id
_entity.type
_entity.pdbx_description
1 polymer 'Derived from V114 peptide'
2 polymer 'Vascular endothelial growth factor A'
3 non-polymer (4S)-2-METHYL-2,4-PENTANEDIOL
4 non-polymer 'PHOSPHATE ION'
5 water water
#
loop_
_entity_poly.entity_id
_entity_poly.type
_entity_poly.pdbx_seq_one_letter_code
_entity_poly.pdbx_strand_id
1 'polypeptide(L)' CDIHV(NLE)WEWKCFEDL P
2 'polypeptide(L)'
;EVVKFMDVYQRSYCHPIETLVDIFQEYPDEIEYIFKPSCVPLMRCGGCCNDEGLECVPTEESNITMQIMRIKPHQGQHIG
EMSFLQHNKCECRPK
;
V,W
#
loop_
_chem_comp.id
_chem_comp.type
_chem_comp.name
_chem_comp.formula
MPD non-polymer (4S)-2-METHYL-2,4-PENTANEDIOL 'C6 H14 O2'
PO4 non-polymer 'PHOSPHATE ION' 'O4 P -3'
#
# COMPACT_ATOMS: atom_id res chain seq x y z
N CYS A 1 12.40 -24.51 8.26
CA CYS A 1 11.72 -23.39 7.62
C CYS A 1 10.94 -22.54 8.63
N ASP A 2 11.66 -21.87 9.52
CA ASP A 2 11.05 -21.00 10.53
C ASP A 2 10.05 -20.04 9.88
N ILE A 3 8.90 -19.87 10.54
CA ILE A 3 7.82 -19.07 9.95
C ILE A 3 8.06 -17.57 10.03
N HIS A 4 9.02 -17.12 10.83
CA HIS A 4 9.26 -15.68 10.95
C HIS A 4 10.02 -15.10 9.77
N VAL A 5 10.56 -15.94 8.88
CA VAL A 5 11.45 -15.46 7.83
C VAL A 5 10.90 -15.80 6.45
N NLE A 6 11.21 -14.97 5.45
CA NLE A 6 10.84 -15.26 4.07
C NLE A 6 11.33 -16.65 3.67
O NLE A 6 12.42 -17.06 4.06
CB NLE A 6 11.42 -14.21 3.11
CG NLE A 6 10.85 -14.32 1.70
CD NLE A 6 11.53 -13.38 0.73
CE NLE A 6 10.68 -12.17 0.41
H NLE A 6 11.65 -14.24 5.54
HA NLE A 6 9.88 -15.22 3.98
HB2 NLE A 6 11.21 -13.33 3.45
HB3 NLE A 6 12.38 -14.33 3.05
HG2 NLE A 6 10.98 -15.24 1.37
HG3 NLE A 6 9.91 -14.12 1.71
HD2 NLE A 6 12.36 -13.06 1.13
HD3 NLE A 6 11.73 -13.84 -0.10
N TRP A 7 10.51 -17.38 2.91
CA TRP A 7 10.78 -18.78 2.61
C TRP A 7 11.33 -19.02 1.21
N GLU A 8 11.98 -20.17 1.05
CA GLU A 8 12.31 -20.76 -0.23
C GLU A 8 11.20 -21.73 -0.63
N TRP A 9 11.26 -22.18 -1.89
CA TRP A 9 10.21 -23.07 -2.39
C TRP A 9 10.15 -24.37 -1.60
N LYS A 10 11.30 -24.94 -1.24
CA LYS A 10 11.34 -26.17 -0.46
C LYS A 10 10.41 -26.10 0.75
N CYS A 11 10.22 -24.90 1.32
CA CYS A 11 9.36 -24.77 2.49
C CYS A 11 7.90 -25.05 2.16
N PHE A 12 7.49 -24.83 0.91
CA PHE A 12 6.10 -24.99 0.53
C PHE A 12 5.80 -26.39 0.00
N GLU A 13 6.67 -26.90 -0.89
CA GLU A 13 6.45 -28.21 -1.47
C GLU A 13 6.39 -29.29 -0.40
N ASP A 14 7.14 -29.13 0.69
CA ASP A 14 7.13 -30.06 1.80
C ASP A 14 6.05 -29.66 2.79
N LEU A 15 6.10 -28.40 3.23
N GLU B 1 18.15 16.14 1.87
CA GLU B 1 17.89 16.35 3.29
C GLU B 1 16.43 16.81 3.47
N VAL B 2 15.91 17.55 2.50
CA VAL B 2 14.49 17.89 2.47
C VAL B 2 13.94 17.55 1.08
N VAL B 3 12.82 16.84 1.03
CA VAL B 3 12.20 16.56 -0.25
C VAL B 3 11.52 17.83 -0.74
N LYS B 4 11.79 18.21 -1.98
CA LYS B 4 11.28 19.51 -2.46
C LYS B 4 9.82 19.43 -2.88
N PHE B 5 9.14 20.58 -2.78
CA PHE B 5 7.71 20.62 -2.90
C PHE B 5 7.20 19.96 -4.18
N MET B 6 7.79 20.33 -5.31
CA MET B 6 7.31 19.82 -6.59
C MET B 6 7.55 18.33 -6.73
N ASP B 7 8.64 17.84 -6.13
CA ASP B 7 8.88 16.41 -6.08
C ASP B 7 7.83 15.72 -5.23
N VAL B 8 7.55 16.25 -4.05
CA VAL B 8 6.49 15.67 -3.21
C VAL B 8 5.17 15.69 -3.96
N TYR B 9 4.87 16.82 -4.61
CA TYR B 9 3.56 16.99 -5.21
C TYR B 9 3.38 15.99 -6.35
N GLN B 10 4.40 15.88 -7.22
CA GLN B 10 4.28 14.97 -8.36
C GLN B 10 4.20 13.53 -7.91
N ARG B 11 4.95 13.17 -6.86
CA ARG B 11 4.98 11.78 -6.42
C ARG B 11 3.71 11.34 -5.72
N SER B 12 2.98 12.28 -5.13
CA SER B 12 1.78 12.06 -4.33
C SER B 12 0.51 12.08 -5.16
N TYR B 13 0.56 12.62 -6.36
CA TYR B 13 -0.66 12.93 -7.09
C TYR B 13 -1.28 11.65 -7.66
N CYS B 14 -2.60 11.60 -7.62
CA CYS B 14 -3.40 10.50 -8.16
C CYS B 14 -2.71 9.72 -9.29
N HIS B 15 -2.43 8.42 -9.08
CA HIS B 15 -1.87 7.57 -10.14
C HIS B 15 -1.88 6.10 -9.71
N PRO B 16 -1.70 5.17 -10.65
CA PRO B 16 -1.63 3.76 -10.25
C PRO B 16 -0.32 3.47 -9.50
N ILE B 17 -0.44 2.79 -8.36
CA ILE B 17 0.70 2.47 -7.50
C ILE B 17 0.55 1.05 -7.00
N GLU B 18 1.70 0.38 -6.87
CA GLU B 18 1.72 -0.97 -6.30
C GLU B 18 1.16 -0.95 -4.90
N THR B 19 0.06 -1.65 -4.70
CA THR B 19 -0.66 -1.72 -3.44
C THR B 19 -0.79 -3.17 -3.00
N LEU B 20 -0.61 -3.42 -1.73
CA LEU B 20 -0.70 -4.76 -1.21
C LEU B 20 -2.12 -4.99 -0.69
N VAL B 21 -2.81 -5.96 -1.29
CA VAL B 21 -4.24 -6.16 -1.09
C VAL B 21 -4.45 -7.57 -0.58
N ASP B 22 -5.26 -7.72 0.47
CA ASP B 22 -5.57 -9.04 1.01
C ASP B 22 -6.49 -9.80 0.06
N ILE B 23 -6.20 -11.09 -0.15
CA ILE B 23 -6.96 -11.87 -1.13
C ILE B 23 -8.43 -11.96 -0.73
N PHE B 24 -8.71 -12.03 0.58
CA PHE B 24 -10.09 -12.14 1.04
C PHE B 24 -10.91 -10.93 0.59
N GLN B 25 -10.29 -9.75 0.52
CA GLN B 25 -11.01 -8.56 0.09
C GLN B 25 -11.42 -8.67 -1.36
N GLU B 26 -10.61 -9.36 -2.15
CA GLU B 26 -10.87 -9.55 -3.57
C GLU B 26 -11.71 -10.77 -3.88
N TYR B 27 -11.74 -11.78 -3.01
CA TYR B 27 -12.50 -13.01 -3.18
C TYR B 27 -13.36 -13.26 -1.94
N PRO B 28 -14.42 -12.46 -1.76
CA PRO B 28 -15.23 -12.56 -0.55
C PRO B 28 -16.06 -13.83 -0.44
N ASP B 29 -16.27 -14.55 -1.53
CA ASP B 29 -16.97 -15.83 -1.43
C ASP B 29 -16.02 -16.97 -1.05
N GLU B 30 -14.74 -16.68 -0.82
CA GLU B 30 -13.77 -17.71 -0.45
C GLU B 30 -13.15 -17.46 0.93
N ILE B 31 -13.88 -16.78 1.82
CA ILE B 31 -13.32 -16.43 3.13
C ILE B 31 -13.23 -17.64 4.04
N GLU B 32 -13.73 -18.79 3.57
CA GLU B 32 -13.51 -20.09 4.21
C GLU B 32 -12.10 -20.64 4.00
N TYR B 33 -11.35 -20.07 3.03
CA TYR B 33 -10.04 -20.59 2.64
C TYR B 33 -8.92 -19.91 3.43
N ILE B 34 -7.77 -20.58 3.46
CA ILE B 34 -6.49 -19.97 3.80
C ILE B 34 -5.64 -19.93 2.54
N PHE B 35 -5.13 -18.74 2.23
CA PHE B 35 -4.31 -18.49 1.05
C PHE B 35 -2.86 -18.28 1.48
N LYS B 36 -1.94 -18.71 0.62
CA LYS B 36 -0.52 -18.40 0.77
C LYS B 36 -0.03 -17.96 -0.60
N PRO B 37 0.51 -16.74 -0.74
CA PRO B 37 0.58 -15.68 0.28
C PRO B 37 -0.82 -15.20 0.55
N SER B 38 -1.05 -14.47 1.65
CA SER B 38 -2.41 -14.07 1.96
C SER B 38 -2.76 -12.73 1.35
N CYS B 39 -1.82 -12.10 0.68
CA CYS B 39 -2.01 -10.78 0.09
C CYS B 39 -1.21 -10.77 -1.19
N VAL B 40 -1.62 -9.93 -2.14
CA VAL B 40 -0.99 -9.92 -3.45
C VAL B 40 -0.66 -8.47 -3.78
N PRO B 41 0.39 -8.22 -4.56
CA PRO B 41 0.69 -6.85 -4.99
C PRO B 41 -0.07 -6.50 -6.26
N LEU B 42 -0.83 -5.41 -6.25
CA LEU B 42 -1.61 -5.04 -7.41
C LEU B 42 -1.44 -3.55 -7.69
N MET B 43 -1.55 -3.19 -8.96
CA MET B 43 -1.57 -1.77 -9.32
C MET B 43 -2.97 -1.24 -9.06
N ARG B 44 -3.08 -0.24 -8.18
CA ARG B 44 -4.34 0.39 -7.80
C ARG B 44 -4.15 1.90 -7.67
N CYS B 45 -5.22 2.65 -7.97
CA CYS B 45 -5.15 4.11 -7.89
C CYS B 45 -4.89 4.48 -6.45
N GLY B 46 -4.02 5.45 -6.27
CA GLY B 46 -3.79 5.98 -4.95
C GLY B 46 -3.28 7.39 -5.08
N GLY B 47 -3.22 8.07 -3.95
CA GLY B 47 -2.73 9.44 -3.92
C GLY B 47 -3.87 10.43 -3.85
N CYS B 48 -3.51 11.70 -4.00
CA CYS B 48 -4.44 12.77 -3.69
C CYS B 48 -4.70 13.62 -4.93
N CYS B 49 -5.78 14.38 -4.86
N CYS B 49 -5.82 14.32 -4.87
CA CYS B 49 -6.13 15.32 -5.89
CA CYS B 49 -6.20 15.24 -5.92
C CYS B 49 -5.92 16.74 -5.36
C CYS B 49 -6.04 16.68 -5.52
N ASN B 50 -6.05 17.71 -6.26
N ASN B 50 -5.67 16.93 -4.26
CA ASN B 50 -5.79 19.10 -5.89
CA ASN B 50 -5.38 18.29 -3.79
C ASN B 50 -6.87 19.70 -5.00
C ASN B 50 -6.55 19.22 -4.09
N ASP B 51 -7.95 18.98 -4.74
N ASP B 51 -7.74 18.64 -4.03
CA ASP B 51 -9.11 19.57 -4.08
CA ASP B 51 -9.00 19.38 -4.07
C ASP B 51 -9.85 18.50 -3.29
C ASP B 51 -9.98 18.48 -3.34
N GLU B 52 -10.48 18.93 -2.19
CA GLU B 52 -11.44 18.09 -1.49
C GLU B 52 -12.73 17.92 -2.27
N GLY B 53 -12.91 18.68 -3.35
CA GLY B 53 -14.00 18.43 -4.28
C GLY B 53 -13.79 17.23 -5.19
N LEU B 54 -12.62 16.59 -5.15
CA LEU B 54 -12.24 15.57 -6.13
C LEU B 54 -11.74 14.32 -5.45
N GLU B 55 -11.91 13.18 -6.15
CA GLU B 55 -11.43 11.88 -5.73
C GLU B 55 -10.68 11.20 -6.87
N CYS B 56 -9.69 10.39 -6.50
CA CYS B 56 -8.85 9.63 -7.43
C CYS B 56 -9.51 8.29 -7.75
N VAL B 57 -9.84 8.06 -9.02
CA VAL B 57 -10.63 6.88 -9.38
C VAL B 57 -10.05 6.25 -10.64
N PRO B 58 -10.21 4.94 -10.77
CA PRO B 58 -9.73 4.26 -11.97
C PRO B 58 -10.56 4.62 -13.19
N THR B 59 -9.87 4.82 -14.31
CA THR B 59 -10.55 5.05 -15.58
C THR B 59 -10.19 3.99 -16.63
N GLU B 60 -9.28 3.08 -16.31
CA GLU B 60 -8.89 1.98 -17.19
C GLU B 60 -8.46 0.81 -16.31
N GLU B 61 -8.95 -0.38 -16.61
CA GLU B 61 -8.66 -1.57 -15.81
C GLU B 61 -8.33 -2.77 -16.67
N SER B 62 -7.71 -3.78 -16.02
CA SER B 62 -7.40 -5.04 -16.67
C SER B 62 -7.26 -6.09 -15.58
N ASN B 63 -7.06 -7.33 -16.00
CA ASN B 63 -6.86 -8.43 -15.08
C ASN B 63 -5.41 -8.90 -15.10
N ILE B 64 -4.99 -9.46 -13.97
CA ILE B 64 -3.74 -10.22 -13.90
C ILE B 64 -4.02 -11.52 -13.16
N THR B 65 -3.37 -12.59 -13.58
CA THR B 65 -3.59 -13.90 -12.97
C THR B 65 -2.32 -14.36 -12.26
N MET B 66 -2.49 -14.82 -11.04
CA MET B 66 -1.37 -15.25 -10.21
C MET B 66 -1.59 -16.65 -9.66
N GLN B 67 -0.48 -17.38 -9.47
CA GLN B 67 -0.51 -18.68 -8.79
C GLN B 67 -0.54 -18.49 -7.28
N ILE B 68 -1.56 -19.02 -6.61
CA ILE B 68 -1.77 -18.85 -5.17
C ILE B 68 -2.03 -20.22 -4.54
N MET B 69 -1.46 -20.47 -3.37
CA MET B 69 -1.78 -21.69 -2.67
C MET B 69 -3.10 -21.53 -1.89
N ARG B 70 -3.93 -22.57 -1.91
CA ARG B 70 -5.30 -22.54 -1.42
C ARG B 70 -5.54 -23.78 -0.57
N ILE B 71 -6.04 -23.61 0.65
CA ILE B 71 -6.46 -24.77 1.44
C ILE B 71 -7.72 -24.43 2.22
N LYS B 72 -8.54 -25.45 2.43
CA LYS B 72 -9.77 -25.32 3.21
C LYS B 72 -10.00 -26.63 3.94
N PRO B 73 -10.89 -26.64 4.92
CA PRO B 73 -11.16 -27.88 5.65
C PRO B 73 -11.63 -28.98 4.72
N HIS B 74 -11.27 -30.22 5.05
CA HIS B 74 -11.60 -31.40 4.24
C HIS B 74 -10.95 -31.34 2.87
N GLN B 75 -9.92 -30.50 2.72
CA GLN B 75 -9.13 -30.40 1.51
C GLN B 75 -7.66 -30.37 1.93
N GLY B 76 -6.77 -30.81 1.04
CA GLY B 76 -5.35 -30.60 1.21
C GLY B 76 -4.88 -29.38 0.44
N GLN B 77 -3.58 -29.10 0.54
CA GLN B 77 -3.03 -27.93 -0.12
C GLN B 77 -3.17 -28.02 -1.64
N HIS B 78 -3.77 -27.01 -2.25
CA HIS B 78 -3.78 -26.86 -3.69
C HIS B 78 -3.06 -25.59 -4.12
N ILE B 79 -2.67 -25.55 -5.38
CA ILE B 79 -2.18 -24.35 -6.02
C ILE B 79 -3.05 -24.06 -7.23
N GLY B 80 -3.42 -22.80 -7.40
CA GLY B 80 -4.31 -22.57 -8.51
C GLY B 80 -4.22 -21.12 -8.91
N GLU B 81 -4.77 -20.84 -10.08
CA GLU B 81 -4.70 -19.53 -10.68
C GLU B 81 -5.84 -18.67 -10.19
N MET B 82 -5.53 -17.45 -9.73
CA MET B 82 -6.56 -16.54 -9.27
C MET B 82 -6.35 -15.22 -10.00
N SER B 83 -7.46 -14.64 -10.47
CA SER B 83 -7.42 -13.42 -11.24
C SER B 83 -7.73 -12.23 -10.34
N PHE B 84 -7.06 -11.11 -10.64
CA PHE B 84 -7.22 -9.89 -9.86
C PHE B 84 -7.32 -8.70 -10.80
N LEU B 85 -8.10 -7.74 -10.34
CA LEU B 85 -8.33 -6.47 -11.04
C LEU B 85 -7.19 -5.50 -10.75
N GLN B 86 -6.63 -4.93 -11.82
CA GLN B 86 -5.63 -3.88 -11.78
C GLN B 86 -6.16 -2.57 -12.37
N HIS B 87 -5.60 -1.48 -11.90
CA HIS B 87 -5.93 -0.14 -12.39
C HIS B 87 -4.78 0.34 -13.26
N ASN B 88 -5.08 0.66 -14.50
CA ASN B 88 -4.06 1.10 -15.44
C ASN B 88 -4.00 2.61 -15.59
N LYS B 89 -5.10 3.31 -15.34
CA LYS B 89 -5.17 4.76 -15.44
C LYS B 89 -6.07 5.23 -14.33
N CYS B 90 -5.80 6.44 -13.82
CA CYS B 90 -6.55 7.05 -12.74
C CYS B 90 -6.76 8.51 -13.07
N GLU B 91 -7.86 9.08 -12.60
CA GLU B 91 -7.98 10.52 -12.76
C GLU B 91 -8.79 11.08 -11.59
N CYS B 92 -8.60 12.38 -11.37
CA CYS B 92 -9.31 13.11 -10.34
C CYS B 92 -10.66 13.59 -10.89
N ARG B 93 -11.74 13.10 -10.32
CA ARG B 93 -13.08 13.49 -10.71
C ARG B 93 -13.91 13.96 -9.53
N PRO B 94 -14.94 14.77 -9.78
CA PRO B 94 -15.83 15.19 -8.69
C PRO B 94 -16.40 14.00 -7.94
N LYS B 95 -16.71 14.23 -6.67
CA LYS B 95 -17.07 13.13 -5.78
C LYS B 95 -18.58 12.88 -5.74
N GLU C 1 1.86 -15.29 -19.00
CA GLU C 1 0.59 -14.64 -18.69
C GLU C 1 0.10 -14.96 -17.27
N VAL C 2 0.86 -15.74 -16.51
CA VAL C 2 0.47 -16.07 -15.13
C VAL C 2 1.67 -15.85 -14.24
N VAL C 3 1.50 -15.03 -13.20
CA VAL C 3 2.60 -14.79 -12.27
C VAL C 3 2.86 -16.03 -11.45
N LYS C 4 4.11 -16.46 -11.42
CA LYS C 4 4.47 -17.69 -10.74
C LYS C 4 4.47 -17.50 -9.23
N PHE C 5 4.25 -18.62 -8.52
CA PHE C 5 3.98 -18.60 -7.09
C PHE C 5 5.08 -17.90 -6.33
N MET C 6 6.33 -18.29 -6.56
CA MET C 6 7.41 -17.72 -5.75
C MET C 6 7.56 -16.24 -6.01
N ASP C 7 7.26 -15.78 -7.20
CA ASP C 7 7.40 -14.34 -7.48
C ASP C 7 6.33 -13.54 -6.76
N VAL C 8 5.10 -14.05 -6.71
CA VAL C 8 4.08 -13.33 -5.95
C VAL C 8 4.34 -13.41 -4.45
N TYR C 9 4.75 -14.60 -3.94
CA TYR C 9 4.97 -14.75 -2.52
C TYR C 9 6.09 -13.82 -2.02
N GLN C 10 7.17 -13.72 -2.79
CA GLN C 10 8.28 -12.86 -2.42
C GLN C 10 7.93 -11.38 -2.53
N ARG C 11 7.17 -11.02 -3.56
CA ARG C 11 6.83 -9.62 -3.73
C ARG C 11 5.82 -9.13 -2.69
N SER C 12 5.01 -10.02 -2.13
CA SER C 12 3.99 -9.61 -1.17
C SER C 12 4.45 -9.80 0.28
N TYR C 13 5.54 -10.52 0.49
CA TYR C 13 6.05 -10.68 1.84
C TYR C 13 6.49 -9.35 2.47
N CYS C 14 6.09 -9.16 3.74
CA CYS C 14 6.48 -8.08 4.64
C CYS C 14 7.75 -7.34 4.24
N HIS C 15 7.62 -6.03 3.87
CA HIS C 15 8.81 -5.28 3.54
C HIS C 15 8.41 -3.82 3.53
N PRO C 16 9.35 -2.87 3.50
CA PRO C 16 8.92 -1.46 3.37
C PRO C 16 8.41 -1.21 1.96
N ILE C 17 7.27 -0.55 1.87
CA ILE C 17 6.71 -0.22 0.57
C ILE C 17 6.27 1.22 0.57
N GLU C 18 6.49 1.89 -0.56
CA GLU C 18 5.97 3.24 -0.75
C GLU C 18 4.47 3.24 -0.59
N THR C 19 3.99 4.03 0.36
CA THR C 19 2.58 4.16 0.68
C THR C 19 2.17 5.63 0.61
N LEU C 20 1.01 5.91 0.04
CA LEU C 20 0.54 7.29 0.00
C LEU C 20 -0.35 7.54 1.22
N VAL C 21 0.05 8.51 2.05
CA VAL C 21 -0.59 8.73 3.34
C VAL C 21 -1.14 10.13 3.40
N ASP C 22 -2.40 10.26 3.77
CA ASP C 22 -3.00 11.57 3.95
C ASP C 22 -2.42 12.22 5.19
N ILE C 23 -2.10 13.50 5.07
CA ILE C 23 -1.39 14.17 6.16
C ILE C 23 -2.26 14.25 7.40
N PHE C 24 -3.56 14.50 7.22
CA PHE C 24 -4.47 14.50 8.36
C PHE C 24 -4.42 13.18 9.11
N GLN C 25 -4.24 12.07 8.39
CA GLN C 25 -4.12 10.78 9.05
C GLN C 25 -2.93 10.75 9.98
N GLU C 26 -1.77 11.20 9.50
CA GLU C 26 -0.59 11.25 10.35
C GLU C 26 -0.81 12.19 11.52
N TYR C 27 -1.52 13.29 11.29
CA TYR C 27 -1.58 14.42 12.22
C TYR C 27 -3.02 14.87 12.35
N PRO C 28 -3.85 14.06 12.99
CA PRO C 28 -5.30 14.32 13.01
C PRO C 28 -5.69 15.61 13.73
N ASP C 29 -4.80 16.21 14.51
CA ASP C 29 -5.08 17.50 15.11
C ASP C 29 -4.90 18.64 14.13
N GLU C 30 -4.42 18.36 12.93
CA GLU C 30 -4.18 19.37 11.91
C GLU C 30 -5.32 19.45 10.88
N ILE C 31 -6.43 18.77 11.13
CA ILE C 31 -7.52 18.68 10.15
C ILE C 31 -8.26 20.01 10.04
N GLU C 32 -7.83 21.01 10.81
CA GLU C 32 -8.42 22.34 10.72
C GLU C 32 -7.89 23.16 9.53
N TYR C 33 -6.74 22.78 8.96
CA TYR C 33 -6.10 23.52 7.89
C TYR C 33 -6.12 22.69 6.61
N ILE C 34 -5.56 23.24 5.54
CA ILE C 34 -5.57 22.60 4.23
C ILE C 34 -4.12 22.51 3.74
N PHE C 35 -3.72 21.30 3.36
CA PHE C 35 -2.34 21.05 2.96
C PHE C 35 -2.29 20.79 1.46
N LYS C 36 -1.16 21.16 0.86
CA LYS C 36 -0.88 20.87 -0.54
C LYS C 36 0.55 20.41 -0.70
N PRO C 37 0.81 19.17 -1.22
CA PRO C 37 -0.22 18.16 -1.53
C PRO C 37 -0.95 17.76 -0.26
N SER C 38 -2.10 17.08 -0.36
CA SER C 38 -2.80 16.67 0.85
C SER C 38 -2.34 15.32 1.38
N CYS C 39 -1.48 14.63 0.65
CA CYS C 39 -0.96 13.31 1.02
C CYS C 39 0.49 13.26 0.60
N VAL C 40 1.26 12.37 1.22
CA VAL C 40 2.68 12.31 0.95
C VAL C 40 3.08 10.86 0.78
N PRO C 41 4.13 10.59 0.03
CA PRO C 41 4.61 9.22 -0.15
C PRO C 41 5.59 8.85 0.95
N LEU C 42 5.33 7.78 1.70
CA LEU C 42 6.18 7.36 2.80
C LEU C 42 6.47 5.88 2.68
N MET C 43 7.70 5.48 3.00
CA MET C 43 8.00 4.05 3.14
C MET C 43 7.40 3.57 4.45
N ARG C 44 6.49 2.60 4.34
CA ARG C 44 5.84 2.01 5.47
C ARG C 44 5.81 0.50 5.32
N CYS C 45 5.94 -0.20 6.44
CA CYS C 45 5.86 -1.65 6.41
C CYS C 45 4.54 -2.07 5.82
N GLY C 46 4.60 -3.08 4.94
CA GLY C 46 3.42 -3.58 4.26
C GLY C 46 3.63 -4.99 3.76
N GLY C 47 2.53 -5.63 3.39
CA GLY C 47 2.57 -7.02 2.96
C GLY C 47 2.21 -7.99 4.06
N CYS C 48 2.40 -9.28 3.78
CA CYS C 48 1.85 -10.31 4.62
C CYS C 48 2.96 -11.20 5.20
N CYS C 49 2.59 -11.92 6.24
CA CYS C 49 3.50 -12.85 6.88
C CYS C 49 3.05 -14.27 6.63
N ASN C 50 3.94 -15.20 6.92
CA ASN C 50 3.67 -16.61 6.61
C ASN C 50 2.52 -17.16 7.42
N ASP C 51 1.92 -16.36 8.29
CA ASP C 51 0.94 -16.87 9.23
C ASP C 51 0.17 -15.72 9.85
N GLU C 52 -1.13 -15.94 10.06
CA GLU C 52 -2.04 -14.92 10.55
C GLU C 52 -1.70 -14.46 11.96
N GLY C 53 -0.97 -15.27 12.72
CA GLY C 53 -0.54 -14.86 14.04
C GLY C 53 0.63 -13.88 14.05
N LEU C 54 1.26 -13.66 12.90
CA LEU C 54 2.35 -12.73 12.76
C LEU C 54 1.86 -11.44 12.08
N GLU C 55 2.49 -10.34 12.43
CA GLU C 55 2.22 -9.04 11.84
C GLU C 55 3.52 -8.43 11.36
N CYS C 56 3.44 -7.64 10.29
CA CYS C 56 4.60 -6.98 9.70
C CYS C 56 4.83 -5.66 10.41
N VAL C 57 5.92 -5.54 11.17
CA VAL C 57 6.16 -4.36 12.00
C VAL C 57 7.55 -3.81 11.72
N PRO C 58 7.77 -2.51 11.96
CA PRO C 58 9.08 -1.92 11.68
C PRO C 58 10.09 -2.30 12.74
N THR C 59 11.34 -2.49 12.29
CA THR C 59 12.45 -2.75 13.19
C THR C 59 13.53 -1.69 13.04
N GLU C 60 13.35 -0.76 12.09
CA GLU C 60 14.19 0.42 11.94
C GLU C 60 13.26 1.52 11.44
N GLU C 61 13.35 2.69 12.04
CA GLU C 61 12.51 3.81 11.63
C GLU C 61 13.37 5.09 11.57
N SER C 62 12.86 6.11 10.86
CA SER C 62 13.57 7.37 10.73
C SER C 62 12.55 8.45 10.41
N ASN C 63 12.98 9.69 10.54
CA ASN C 63 12.11 10.77 10.10
C ASN C 63 12.58 11.29 8.75
N ILE C 64 11.61 11.73 7.94
CA ILE C 64 11.90 12.28 6.63
C ILE C 64 11.20 13.64 6.58
N THR C 65 11.88 14.62 6.00
CA THR C 65 11.38 15.99 6.00
C THR C 65 11.01 16.40 4.58
N MET C 66 9.83 17.02 4.43
CA MET C 66 9.31 17.37 3.12
C MET C 66 8.80 18.80 3.12
N GLN C 67 8.87 19.42 1.96
CA GLN C 67 8.34 20.76 1.73
C GLN C 67 6.86 20.67 1.37
N ILE C 68 6.01 21.24 2.21
CA ILE C 68 4.57 21.15 2.14
C ILE C 68 3.98 22.55 2.25
N MET C 69 2.85 22.76 1.56
CA MET C 69 2.14 24.02 1.65
C MET C 69 0.95 23.90 2.59
N ARG C 70 0.68 24.96 3.38
CA ARG C 70 -0.46 24.96 4.30
CA ARG C 70 -0.46 24.96 4.29
C ARG C 70 -1.14 26.32 4.24
N ILE C 71 -2.48 26.32 4.22
CA ILE C 71 -3.28 27.54 4.18
C ILE C 71 -4.44 27.45 5.19
N LYS C 72 -4.87 28.66 5.59
CA LYS C 72 -6.10 28.88 6.33
C LYS C 72 -6.93 29.89 5.56
N PRO C 73 -8.26 29.81 5.64
CA PRO C 73 -9.08 30.62 4.74
C PRO C 73 -8.76 32.10 4.83
N HIS C 74 -8.87 32.77 3.68
CA HIS C 74 -8.64 34.21 3.57
C HIS C 74 -7.33 34.61 4.24
N GLN C 75 -6.36 33.71 4.25
CA GLN C 75 -5.12 33.89 4.99
C GLN C 75 -3.98 33.43 4.10
N GLY C 76 -2.83 34.06 4.27
CA GLY C 76 -1.65 33.83 3.45
C GLY C 76 -1.27 32.38 3.20
N GLN C 77 -0.66 32.17 2.04
CA GLN C 77 -0.04 30.90 1.69
C GLN C 77 1.27 30.71 2.45
N HIS C 78 1.43 29.55 3.11
CA HIS C 78 2.68 29.16 3.74
C HIS C 78 3.30 27.98 3.02
N ILE C 79 4.63 27.90 3.07
CA ILE C 79 5.39 26.73 2.63
C ILE C 79 6.46 26.48 3.68
N GLY C 80 6.56 25.25 4.15
CA GLY C 80 7.52 25.00 5.22
C GLY C 80 7.87 23.54 5.27
N GLU C 81 8.80 23.23 6.16
CA GLU C 81 9.22 21.84 6.32
C GLU C 81 8.24 21.12 7.23
N MET C 82 7.88 19.87 6.86
CA MET C 82 7.07 19.03 7.71
C MET C 82 7.73 17.65 7.77
N SER C 83 7.76 17.06 8.97
CA SER C 83 8.44 15.78 9.16
C SER C 83 7.45 14.63 9.29
N PHE C 84 7.87 13.47 8.77
CA PHE C 84 7.04 12.28 8.77
C PHE C 84 7.89 11.06 9.15
N LEU C 85 7.23 10.08 9.76
CA LEU C 85 7.83 8.82 10.12
C LEU C 85 7.88 7.88 8.93
N GLN C 86 9.08 7.34 8.63
CA GLN C 86 9.30 6.31 7.63
C GLN C 86 9.77 5.01 8.31
N HIS C 87 9.46 3.87 7.67
CA HIS C 87 9.94 2.56 8.10
C HIS C 87 11.05 2.11 7.16
N ASN C 88 12.19 1.79 7.72
CA ASN C 88 13.36 1.40 6.94
C ASN C 88 13.57 -0.11 6.88
N LYS C 89 13.06 -0.86 7.85
CA LYS C 89 13.21 -2.30 7.89
C LYS C 89 11.99 -2.86 8.59
N CYS C 90 11.54 -4.04 8.14
CA CYS C 90 10.33 -4.65 8.67
C CYS C 90 10.59 -6.12 8.95
N GLU C 91 9.87 -6.65 9.93
CA GLU C 91 9.96 -8.08 10.16
C GLU C 91 8.65 -8.62 10.67
N CYS C 92 8.44 -9.91 10.45
CA CYS C 92 7.24 -10.60 10.91
C CYS C 92 7.42 -11.05 12.37
N ARG C 93 6.55 -10.55 13.24
CA ARG C 93 6.66 -10.73 14.69
C ARG C 93 5.32 -11.15 15.27
N PRO C 94 5.33 -11.92 16.35
CA PRO C 94 4.07 -12.27 17.02
C PRO C 94 3.27 -11.04 17.40
N LYS C 95 1.95 -11.18 17.41
CA LYS C 95 1.08 -10.09 17.83
C LYS C 95 0.85 -10.16 19.33
C1 MPD D . 0.52 -27.47 -2.93
C2 MPD D . 1.62 -28.52 -3.09
O2 MPD D . 2.93 -27.88 -3.04
CM MPD D . 1.57 -29.52 -1.94
C3 MPD D . 1.35 -29.17 -4.42
C4 MPD D . 1.95 -28.35 -5.56
O4 MPD D . 3.32 -28.64 -5.65
C5 MPD D . 1.28 -28.70 -6.89
H11 MPD D . 0.11 -27.22 -3.90
H12 MPD D . -0.27 -27.87 -2.29
H13 MPD D . 0.93 -26.57 -2.47
HO2 MPD D . 3.04 -27.29 -3.82
HM1 MPD D . 0.57 -29.93 -1.87
HM2 MPD D . 2.29 -30.31 -2.14
HM3 MPD D . 1.83 -29.01 -1.01
H31 MPD D . 1.80 -30.17 -4.43
H32 MPD D . 0.28 -29.28 -4.57
H4 MPD D . 1.78 -27.29 -5.36
HO4 MPD D . 3.84 -27.83 -5.51
H51 MPD D . 1.84 -29.49 -7.38
H52 MPD D . 0.26 -29.03 -6.70
H53 MPD D . 1.27 -27.82 -7.53
C1 MPD E . -0.80 -24.50 -10.80
C2 MPD E . -0.86 -24.03 -12.25
O2 MPD E . -0.76 -22.57 -12.32
CM MPD E . -2.24 -24.40 -12.79
C3 MPD E . 0.27 -24.69 -13.04
C4 MPD E . -0.04 -24.95 -14.52
O4 MPD E . -0.28 -23.74 -15.18
C5 MPD E . 1.12 -25.66 -15.21
H11 MPD E . -0.10 -25.33 -10.71
H12 MPD E . -1.79 -24.82 -10.48
H13 MPD E . -0.46 -23.68 -10.17
HO2 MPD E . -0.02 -22.33 -12.91
HM1 MPD E . -2.28 -25.48 -12.97
HM2 MPD E . -2.41 -23.87 -13.73
HM3 MPD E . -3.00 -24.12 -12.06
H31 MPD E . 0.53 -25.64 -12.57
H32 MPD E . 1.15 -24.05 -12.99
H4 MPD E . -0.93 -25.58 -14.54
HO4 MPD E . -0.60 -23.07 -14.55
H51 MPD E . 1.21 -25.27 -16.23
H52 MPD E . 0.92 -26.73 -15.24
H53 MPD E . 2.04 -25.47 -14.67
C1 MPD F . 5.17 -6.83 -11.15
C2 MPD F . 4.06 -7.80 -10.74
O2 MPD F . 4.62 -9.01 -10.21
CM MPD F . 3.23 -8.19 -11.96
C3 MPD F . 3.19 -7.19 -9.64
C4 MPD F . 2.20 -6.14 -10.12
O4 MPD F . 0.89 -6.68 -10.04
C5 MPD F . 2.34 -4.86 -9.28
H11 MPD F . 4.86 -5.81 -10.94
H12 MPD F . 5.36 -6.93 -12.22
H13 MPD F . 6.08 -7.07 -10.60
HO2 MPD F . 4.37 -9.10 -9.27
HM1 MPD F . 2.18 -8.29 -11.66
HM2 MPD F . 3.58 -9.14 -12.35
HM3 MPD F . 3.31 -7.42 -12.72
H31 MPD F . 3.85 -6.74 -8.89
H32 MPD F . 2.65 -8.00 -9.15
H4 MPD F . 2.41 -5.88 -11.17
HO4 MPD F . 0.25 -5.97 -9.79
H51 MPD F . 1.38 -4.37 -9.22
H52 MPD F . 3.06 -4.20 -9.76
H53 MPD F . 2.69 -5.12 -8.28
C1 MPD G . 11.51 27.84 3.62
C2 MPD G . 11.52 26.70 2.61
O2 MPD G . 12.88 26.27 2.39
CM MPD G . 10.75 25.51 3.16
C3 MPD G . 10.79 27.14 1.33
C4 MPD G . 11.63 27.82 0.25
O4 MPD G . 12.86 27.14 0.06
C5 MPD G . 10.83 27.85 -1.06
H11 MPD G . 10.98 28.69 3.20
H12 MPD G . 11.03 27.50 4.53
H13 MPD G . 12.55 28.12 3.84
HO2 MPD G . 13.15 26.47 1.47
HM1 MPD G . 9.69 25.66 3.02
HM2 MPD G . 11.06 24.60 2.63
HM3 MPD G . 10.97 25.40 4.22
H31 MPD G . 10.33 26.26 0.89
H32 MPD G . 9.99 27.83 1.62
H4 MPD G . 11.86 28.85 0.56
HO4 MPD G . 13.58 27.79 -0.09
H51 MPD G . 11.47 27.52 -1.87
H52 MPD G . 9.97 27.18 -0.97
H53 MPD G . 10.48 28.87 -1.25
C1 MPD H . 1.76 23.29 15.44
C2 MPD H . 2.30 23.37 14.02
O2 MPD H . 1.63 22.32 13.30
CM MPD H . 3.78 23.02 13.98
C3 MPD H . 2.00 24.70 13.30
C4 MPD H . 2.24 25.99 14.10
O4 MPD H . 3.41 25.90 14.89
C5 MPD H . 2.38 27.24 13.23
H11 MPD H . 1.81 24.27 15.91
H12 MPD H . 2.35 22.58 16.01
H13 MPD H . 0.72 22.97 15.41
HO2 MPD H . 1.16 22.69 12.53
HM1 MPD H . 4.26 23.56 13.17
HM2 MPD H . 3.89 21.95 13.82
HM3 MPD H . 4.24 23.29 14.92
H31 MPD H . 0.96 24.69 12.99
H32 MPD H . 2.61 24.75 12.40
H4 MPD H . 1.36 26.10 14.72
HO4 MPD H . 4.12 25.45 14.39
H51 MPD H . 3.04 27.96 13.72
H52 MPD H . 1.40 27.70 13.09
H53 MPD H . 2.80 26.97 12.26
P PO4 I . 12.74 9.21 16.13
O1 PO4 I . 13.18 9.37 14.69
O2 PO4 I . 12.99 7.80 16.60
O3 PO4 I . 11.27 9.47 16.26
O4 PO4 I . 13.55 10.16 17.01
#